data_5TP0
#
_entry.id   5TP0
#
_cell.length_a   40.916
_cell.length_b   64.443
_cell.length_c   80.675
_cell.angle_alpha   90.000
_cell.angle_beta   90.000
_cell.angle_gamma   90.000
#
_symmetry.space_group_name_H-M   'P 21 21 21'
#
loop_
_entity.id
_entity.type
_entity.pdbx_description
1 polymer Trypsin-3
2 non-polymer 'CALCIUM ION'
3 non-polymer 'SULFATE ION'
4 non-polymer BERENIL
5 water water
#
_entity_poly.entity_id   1
_entity_poly.type   'polypeptide(L)'
_entity_poly.pdbx_seq_one_letter_code
;IVGGYTCEENSLPYQVSLNSGSHFCGGSLISEQWVVSAAHCYKTRIQVRLGEHNIKVLEGNEQFINAAKIIRHPKYNRDT
LDNDIMLIKLSSPAVINARVSTISLPTAPPAAGTECLISGWGNTLSFGADYPDELKCLDAPVLTQAECKASYPGKITNSM
FCVGFLEGGKDSCQRDSGGPVVCNGQLQGVVSWGHGCAWKNRPGVYTKVYNYVDWIKDTIAANS
;
_entity_poly.pdbx_strand_id   A
#
# COMPACT_ATOMS: atom_id res chain seq x y z
N ILE A 1 -2.76 -3.93 10.07
CA ILE A 1 -1.68 -3.23 10.88
C ILE A 1 -1.71 -3.77 12.29
N VAL A 2 -0.57 -4.30 12.74
CA VAL A 2 -0.42 -4.82 14.11
C VAL A 2 0.28 -3.72 14.90
N GLY A 3 -0.26 -3.41 16.07
CA GLY A 3 0.39 -2.51 16.97
C GLY A 3 0.28 -1.06 16.61
N GLY A 4 -0.70 -0.73 15.78
CA GLY A 4 -0.95 0.64 15.33
C GLY A 4 -2.04 1.32 16.09
N TYR A 5 -2.61 2.35 15.52
CA TYR A 5 -3.65 3.16 16.13
C TYR A 5 -4.69 3.50 15.05
N THR A 6 -5.93 3.79 15.42
CA THR A 6 -6.94 4.19 14.48
C THR A 6 -6.62 5.55 13.94
N CYS A 7 -6.53 5.68 12.63
CA CYS A 7 -6.25 6.97 12.05
C CYS A 7 -7.37 7.97 12.31
N GLU A 8 -7.06 9.27 12.31
CA GLU A 8 -8.11 10.29 12.29
C GLU A 8 -8.91 10.10 10.99
N GLU A 9 -10.25 10.23 11.10
CA GLU A 9 -11.15 9.99 9.96
C GLU A 9 -10.86 10.87 8.77
N ASN A 10 -10.61 10.21 7.64
CA ASN A 10 -10.29 10.85 6.35
C ASN A 10 -9.02 11.70 6.37
N SER A 11 -8.11 11.40 7.32
CA SER A 11 -6.84 12.07 7.40
C SER A 11 -5.79 11.58 6.43
N LEU A 12 -6.08 10.45 5.79
CA LEU A 12 -5.24 9.86 4.74
CA LEU A 12 -5.21 9.89 4.73
C LEU A 12 -6.09 9.78 3.48
N PRO A 13 -6.37 10.90 2.85
CA PRO A 13 -7.41 10.90 1.81
C PRO A 13 -7.00 10.20 0.52
N TYR A 14 -5.72 9.79 0.43
CA TYR A 14 -5.16 9.03 -0.68
C TYR A 14 -5.34 7.52 -0.44
N GLN A 15 -5.70 7.07 0.74
CA GLN A 15 -5.82 5.65 1.01
C GLN A 15 -7.04 5.09 0.41
N VAL A 16 -7.00 4.04 -0.40
CA VAL A 16 -8.11 3.36 -0.95
C VAL A 16 -8.22 1.92 -0.46
N SER A 17 -9.39 1.36 -0.52
CA SER A 17 -9.69 -0.04 -0.29
C SER A 17 -10.00 -0.69 -1.59
N LEU A 18 -9.39 -1.81 -1.89
CA LEU A 18 -9.74 -2.64 -3.06
C LEU A 18 -10.72 -3.68 -2.58
N ASN A 19 -11.85 -3.81 -3.24
CA ASN A 19 -12.95 -4.63 -2.84
C ASN A 19 -13.43 -5.53 -3.95
N SER A 20 -13.64 -6.79 -3.68
N SER A 20 -13.57 -6.79 -3.65
CA SER A 20 -14.11 -7.72 -4.70
CA SER A 20 -14.18 -7.81 -4.47
C SER A 20 -15.30 -8.58 -4.23
C SER A 20 -14.94 -8.62 -3.48
N GLY A 21 -16.12 -8.08 -3.29
CA GLY A 21 -17.09 -8.67 -2.39
C GLY A 21 -16.84 -8.20 -0.97
N SER A 22 -15.59 -8.21 -0.56
CA SER A 22 -15.05 -7.70 0.70
C SER A 22 -13.76 -6.96 0.42
N HIS A 23 -13.29 -6.22 1.41
CA HIS A 23 -11.97 -5.62 1.35
C HIS A 23 -10.93 -6.69 1.26
N PHE A 24 -9.96 -6.53 0.36
CA PHE A 24 -8.86 -7.48 0.29
C PHE A 24 -7.48 -6.90 0.18
N CYS A 25 -7.35 -5.62 -0.17
CA CYS A 25 -6.06 -4.98 -0.32
C CYS A 25 -6.19 -3.48 -0.24
N GLY A 26 -5.13 -2.79 -0.02
CA GLY A 26 -5.10 -1.35 -0.11
C GLY A 26 -4.57 -0.82 -1.43
N GLY A 27 -4.53 0.49 -1.57
CA GLY A 27 -3.94 1.20 -2.69
C GLY A 27 -3.81 2.63 -2.36
N SER A 28 -3.23 3.39 -3.27
CA SER A 28 -2.96 4.80 -3.07
C SER A 28 -3.39 5.56 -4.31
N LEU A 29 -4.19 6.62 -4.11
CA LEU A 29 -4.64 7.46 -5.24
C LEU A 29 -3.54 8.44 -5.61
N ILE A 30 -3.04 8.36 -6.85
CA ILE A 30 -1.98 9.21 -7.33
C ILE A 30 -2.43 10.26 -8.35
N SER A 31 -3.63 10.13 -8.86
CA SER A 31 -4.28 11.17 -9.70
CA SER A 31 -4.27 11.08 -9.81
C SER A 31 -5.75 10.91 -9.64
N GLU A 32 -6.55 11.77 -10.23
CA GLU A 32 -8.01 11.59 -10.17
C GLU A 32 -8.46 10.24 -10.67
N GLN A 33 -7.72 9.64 -11.58
CA GLN A 33 -8.18 8.43 -12.20
C GLN A 33 -7.21 7.21 -12.06
N TRP A 34 -6.13 7.39 -11.31
CA TRP A 34 -5.13 6.30 -11.23
C TRP A 34 -4.77 6.03 -9.79
N VAL A 35 -4.63 4.70 -9.51
CA VAL A 35 -4.29 4.14 -8.20
C VAL A 35 -3.04 3.22 -8.39
N VAL A 36 -2.15 3.32 -7.40
CA VAL A 36 -1.00 2.38 -7.28
C VAL A 36 -1.31 1.35 -6.22
N SER A 37 -1.04 0.09 -6.53
CA SER A 37 -1.19 -1.00 -5.56
C SER A 37 -0.09 -2.05 -5.81
N ALA A 38 -0.25 -3.22 -5.22
CA ALA A 38 0.71 -4.37 -5.40
C ALA A 38 0.18 -5.24 -6.47
N ALA A 39 1.08 -5.75 -7.37
CA ALA A 39 0.69 -6.72 -8.36
C ALA A 39 0.10 -7.99 -7.76
N HIS A 40 0.52 -8.41 -6.59
CA HIS A 40 -0.06 -9.62 -6.00
C HIS A 40 -1.50 -9.40 -5.58
N CYS A 41 -2.00 -8.17 -5.55
CA CYS A 41 -3.39 -7.88 -5.31
C CYS A 41 -4.26 -7.95 -6.54
N TYR A 42 -3.69 -8.30 -7.69
CA TYR A 42 -4.48 -8.38 -8.91
C TYR A 42 -5.69 -9.32 -8.72
N LYS A 43 -6.82 -8.89 -9.23
CA LYS A 43 -7.99 -9.70 -9.58
C LYS A 43 -8.48 -9.17 -10.86
N THR A 44 -9.25 -9.96 -11.59
CA THR A 44 -9.73 -9.50 -12.88
C THR A 44 -10.76 -8.40 -12.79
N ARG A 45 -11.52 -8.28 -11.70
CA ARG A 45 -12.44 -7.23 -11.43
C ARG A 45 -12.19 -6.73 -10.01
N ILE A 46 -12.09 -5.43 -9.91
CA ILE A 46 -11.86 -4.74 -8.64
C ILE A 46 -12.72 -3.48 -8.58
N GLN A 47 -13.40 -3.31 -7.45
CA GLN A 47 -14.01 -2.04 -7.09
C GLN A 47 -13.11 -1.26 -6.16
N VAL A 48 -12.79 -0.04 -6.51
CA VAL A 48 -11.99 0.83 -5.68
C VAL A 48 -12.91 1.68 -4.78
N ARG A 49 -12.65 1.67 -3.50
CA ARG A 49 -13.43 2.42 -2.51
C ARG A 49 -12.58 3.51 -1.94
N LEU A 50 -12.95 4.78 -2.25
CA LEU A 50 -12.24 5.98 -1.84
C LEU A 50 -13.08 6.68 -0.74
N GLY A 51 -12.40 7.48 0.05
CA GLY A 51 -13.12 8.25 1.12
C GLY A 51 -13.54 7.42 2.25
N GLU A 52 -12.99 6.24 2.47
CA GLU A 52 -13.38 5.36 3.52
C GLU A 52 -12.73 5.63 4.83
N HIS A 53 -13.44 5.40 5.91
CA HIS A 53 -12.88 5.27 7.26
C HIS A 53 -13.32 3.97 7.87
N ASN A 54 -14.60 3.85 8.19
CA ASN A 54 -15.19 2.60 8.58
C ASN A 54 -15.66 1.87 7.32
N ILE A 55 -15.01 0.79 6.98
CA ILE A 55 -15.35 0.08 5.75
C ILE A 55 -16.65 -0.71 5.78
N LYS A 56 -17.23 -0.86 6.94
CA LYS A 56 -18.48 -1.55 7.16
C LYS A 56 -19.73 -0.70 7.15
N VAL A 57 -19.59 0.60 7.23
CA VAL A 57 -20.70 1.53 7.40
C VAL A 57 -20.57 2.66 6.39
N LEU A 58 -21.61 2.96 5.69
CA LEU A 58 -21.62 4.10 4.78
C LEU A 58 -21.79 5.38 5.59
N GLU A 59 -20.78 6.23 5.58
CA GLU A 59 -20.69 7.45 6.42
C GLU A 59 -20.98 8.72 5.64
N GLY A 60 -20.82 8.71 4.33
CA GLY A 60 -21.18 9.88 3.54
C GLY A 60 -20.09 10.46 2.71
N ASN A 61 -18.87 9.94 2.84
CA ASN A 61 -17.75 10.50 2.02
C ASN A 61 -17.18 9.50 1.05
N GLU A 62 -17.84 8.36 0.88
CA GLU A 62 -17.32 7.34 0.01
C GLU A 62 -17.58 7.58 -1.43
N GLN A 63 -16.68 7.13 -2.29
CA GLN A 63 -16.88 6.99 -3.71
C GLN A 63 -16.44 5.60 -4.10
N PHE A 64 -17.29 4.81 -4.70
CA PHE A 64 -17.00 3.44 -5.18
C PHE A 64 -16.93 3.51 -6.67
N ILE A 65 -15.79 3.12 -7.27
CA ILE A 65 -15.54 3.27 -8.69
C ILE A 65 -14.86 1.97 -9.16
N ASN A 66 -15.39 1.39 -10.22
CA ASN A 66 -14.79 0.16 -10.74
C ASN A 66 -13.49 0.44 -11.47
N ALA A 67 -12.59 -0.56 -11.40
CA ALA A 67 -11.37 -0.48 -12.18
C ALA A 67 -11.70 -0.76 -13.65
N ALA A 68 -11.25 0.09 -14.53
CA ALA A 68 -11.34 -0.14 -15.96
C ALA A 68 -10.12 -0.84 -16.52
N LYS A 69 -8.94 -0.58 -15.99
CA LYS A 69 -7.69 -1.23 -16.40
C LYS A 69 -6.94 -1.60 -15.11
N ILE A 70 -6.35 -2.77 -15.10
CA ILE A 70 -5.63 -3.31 -13.97
C ILE A 70 -4.28 -3.87 -14.53
N ILE A 71 -3.21 -3.10 -14.39
CA ILE A 71 -1.96 -3.31 -15.16
C ILE A 71 -0.84 -3.58 -14.22
N ARG A 72 -0.46 -4.86 -14.16
CA ARG A 72 0.68 -5.30 -13.37
C ARG A 72 2.01 -4.93 -14.10
N HIS A 73 3.03 -4.69 -13.32
CA HIS A 73 4.35 -4.55 -13.89
C HIS A 73 4.70 -5.86 -14.64
N PRO A 74 5.25 -5.71 -15.86
CA PRO A 74 5.48 -6.92 -16.67
C PRO A 74 6.56 -7.82 -16.12
N LYS A 75 7.41 -7.35 -15.24
CA LYS A 75 8.44 -8.19 -14.63
C LYS A 75 8.05 -8.62 -13.25
N TYR A 76 6.78 -8.49 -12.86
CA TYR A 76 6.27 -9.07 -11.60
C TYR A 76 6.52 -10.57 -11.60
N ASN A 77 7.10 -11.08 -10.53
CA ASN A 77 7.34 -12.51 -10.37
C ASN A 77 6.47 -13.01 -9.22
N ARG A 78 5.60 -13.90 -9.54
N ARG A 78 5.47 -13.84 -9.51
CA ARG A 78 4.61 -14.26 -8.60
CA ARG A 78 4.50 -14.30 -8.48
C ARG A 78 5.09 -15.24 -7.53
C ARG A 78 5.22 -15.08 -7.36
N ASP A 79 6.31 -15.77 -7.68
CA ASP A 79 6.96 -16.58 -6.70
C ASP A 79 7.82 -15.81 -5.74
N THR A 80 8.56 -14.87 -6.24
CA THR A 80 9.51 -14.11 -5.37
C THR A 80 8.98 -12.73 -4.98
N LEU A 81 7.90 -12.30 -5.60
CA LEU A 81 7.34 -10.96 -5.45
C LEU A 81 8.26 -9.89 -5.95
N ASP A 82 9.24 -10.19 -6.79
CA ASP A 82 9.98 -9.15 -7.44
C ASP A 82 9.01 -8.23 -8.25
N ASN A 83 9.30 -6.95 -8.23
CA ASN A 83 8.53 -5.96 -9.02
C ASN A 83 7.00 -6.01 -8.64
N ASP A 84 6.71 -6.02 -7.34
CA ASP A 84 5.34 -6.16 -6.85
C ASP A 84 4.59 -4.80 -6.89
N ILE A 85 4.17 -4.41 -8.05
CA ILE A 85 3.47 -3.10 -8.24
C ILE A 85 2.57 -3.23 -9.40
N MET A 86 1.47 -2.49 -9.32
CA MET A 86 0.45 -2.43 -10.34
C MET A 86 -0.26 -1.09 -10.32
N LEU A 87 -0.79 -0.74 -11.48
CA LEU A 87 -1.61 0.44 -11.65
C LEU A 87 -3.03 0.04 -11.97
N ILE A 88 -3.96 0.81 -11.38
CA ILE A 88 -5.37 0.70 -11.67
C ILE A 88 -5.86 2.02 -12.26
N LYS A 89 -6.50 1.95 -13.43
CA LYS A 89 -7.18 3.10 -13.97
C LYS A 89 -8.66 2.96 -13.63
N LEU A 90 -9.20 3.98 -12.97
CA LEU A 90 -10.60 4.04 -12.63
C LEU A 90 -11.48 4.25 -13.85
N SER A 91 -12.68 3.67 -13.83
CA SER A 91 -13.56 3.83 -14.96
CA SER A 91 -13.67 3.81 -14.88
CA SER A 91 -13.63 3.81 -14.91
C SER A 91 -14.08 5.22 -15.14
N SER A 92 -14.12 6.00 -14.08
CA SER A 92 -14.43 7.45 -14.13
C SER A 92 -13.49 8.10 -13.11
N PRO A 93 -13.19 9.38 -13.25
CA PRO A 93 -12.37 10.02 -12.27
C PRO A 93 -13.02 10.12 -10.91
N ALA A 94 -12.24 10.01 -9.87
CA ALA A 94 -12.68 10.38 -8.55
C ALA A 94 -12.89 11.88 -8.45
N VAL A 95 -13.79 12.30 -7.63
CA VAL A 95 -13.97 13.72 -7.27
C VAL A 95 -13.00 14.00 -6.13
N ILE A 96 -12.09 14.92 -6.35
CA ILE A 96 -11.06 15.31 -5.39
C ILE A 96 -11.56 16.41 -4.59
N ASN A 97 -11.42 16.25 -3.31
CA ASN A 97 -12.04 17.06 -2.24
C ASN A 97 -11.16 16.93 -0.89
N ALA A 98 -11.65 17.38 0.27
CA ALA A 98 -10.81 17.25 1.46
C ALA A 98 -10.58 15.81 1.84
N ARG A 99 -11.55 14.96 1.54
CA ARG A 99 -11.56 13.57 2.04
C ARG A 99 -11.08 12.52 1.01
N VAL A 100 -10.97 12.91 -0.23
CA VAL A 100 -10.45 12.09 -1.32
C VAL A 100 -9.46 12.95 -2.04
N SER A 101 -8.19 12.59 -2.06
N SER A 101 -8.19 12.58 -2.02
CA SER A 101 -7.18 13.39 -2.78
CA SER A 101 -7.12 13.41 -2.59
C SER A 101 -5.91 12.54 -2.96
C SER A 101 -5.91 12.54 -2.96
N THR A 102 -4.97 13.11 -3.66
CA THR A 102 -3.85 12.35 -4.17
C THR A 102 -2.66 12.44 -3.26
N ILE A 103 -1.74 11.47 -3.41
CA ILE A 103 -0.42 11.47 -2.77
C ILE A 103 0.65 11.65 -3.85
N SER A 104 1.62 12.50 -3.59
N SER A 104 1.63 12.51 -3.59
CA SER A 104 2.73 12.71 -4.49
CA SER A 104 2.70 12.72 -4.55
C SER A 104 3.61 11.50 -4.67
C SER A 104 3.56 11.48 -4.68
N LEU A 105 4.08 11.28 -5.88
CA LEU A 105 5.09 10.33 -6.14
C LEU A 105 6.44 10.86 -5.60
N PRO A 106 7.38 9.97 -5.36
CA PRO A 106 8.58 10.40 -4.70
C PRO A 106 9.56 11.04 -5.66
N THR A 107 10.30 12.01 -5.17
CA THR A 107 11.35 12.69 -5.96
C THR A 107 12.76 12.14 -5.70
N ALA A 108 12.93 11.34 -4.67
CA ALA A 108 14.18 10.71 -4.29
C ALA A 108 13.82 9.52 -3.45
N PRO A 109 14.74 8.53 -3.32
CA PRO A 109 14.49 7.44 -2.43
C PRO A 109 14.51 7.94 -0.94
N PRO A 110 13.92 7.21 -0.02
CA PRO A 110 13.99 7.62 1.39
C PRO A 110 15.18 7.11 2.08
N ALA A 111 15.80 7.93 2.92
CA ALA A 111 16.98 7.51 3.62
C ALA A 111 16.60 6.53 4.74
N ALA A 112 17.45 5.59 5.03
CA ALA A 112 17.35 4.77 6.22
C ALA A 112 17.18 5.66 7.43
N GLY A 113 16.24 5.30 8.31
CA GLY A 113 15.96 6.02 9.52
C GLY A 113 14.80 7.01 9.41
N THR A 114 14.36 7.32 8.19
CA THR A 114 13.24 8.18 7.95
C THR A 114 11.96 7.56 8.52
N GLU A 115 11.18 8.36 9.23
CA GLU A 115 9.94 7.94 9.75
C GLU A 115 8.84 8.09 8.72
N CYS A 116 8.07 7.02 8.56
CA CYS A 116 7.01 6.91 7.60
C CYS A 116 5.68 6.53 8.24
N LEU A 117 4.62 6.64 7.48
CA LEU A 117 3.28 6.29 7.87
C LEU A 117 2.72 5.20 6.99
N ILE A 118 2.39 4.11 7.57
CA ILE A 118 1.87 2.92 6.92
C ILE A 118 0.41 2.76 7.35
N SER A 119 -0.49 2.34 6.48
CA SER A 119 -1.91 2.33 6.82
C SER A 119 -2.65 1.26 6.14
N GLY A 120 -3.79 0.83 6.68
CA GLY A 120 -4.63 -0.08 6.05
C GLY A 120 -5.69 -0.72 6.94
N TRP A 121 -6.50 -1.54 6.36
CA TRP A 121 -7.57 -2.31 7.05
C TRP A 121 -7.18 -3.80 7.19
N GLY A 122 -5.90 -4.06 7.21
CA GLY A 122 -5.42 -5.43 7.36
C GLY A 122 -5.42 -5.98 8.77
N ASN A 123 -4.96 -7.21 8.87
CA ASN A 123 -5.00 -7.97 10.15
C ASN A 123 -4.27 -7.19 11.18
N THR A 124 -4.85 -7.27 12.43
CA THR A 124 -4.28 -6.58 13.58
C THR A 124 -3.60 -7.55 14.59
N LEU A 125 -3.52 -8.82 14.28
CA LEU A 125 -2.93 -9.83 15.19
C LEU A 125 -1.66 -10.46 14.61
N SER A 126 -0.68 -10.72 15.51
CA SER A 126 0.58 -11.44 15.16
C SER A 126 0.43 -12.93 15.12
N PHE A 127 -0.62 -13.47 15.73
CA PHE A 127 -0.97 -14.91 15.65
C PHE A 127 -2.46 -14.99 15.31
N GLY A 128 -2.80 -15.55 14.18
CA GLY A 128 -4.18 -15.58 13.78
C GLY A 128 -4.61 -14.35 13.07
N ALA A 129 -5.87 -14.04 13.08
CA ALA A 129 -6.38 -12.91 12.25
C ALA A 129 -7.64 -12.31 12.79
N ASP A 130 -7.65 -10.97 12.81
CA ASP A 130 -8.78 -10.15 13.15
C ASP A 130 -8.66 -8.91 12.27
N TYR A 131 -9.75 -8.54 11.61
CA TYR A 131 -9.77 -7.43 10.67
C TYR A 131 -10.61 -6.28 11.24
N PRO A 132 -10.09 -5.06 11.19
CA PRO A 132 -10.75 -3.95 11.80
C PRO A 132 -11.79 -3.30 10.89
N ASP A 133 -12.71 -2.58 11.51
CA ASP A 133 -13.65 -1.77 10.78
C ASP A 133 -13.09 -0.46 10.32
N GLU A 134 -12.29 0.17 11.19
CA GLU A 134 -11.75 1.49 10.94
C GLU A 134 -10.29 1.45 10.54
N LEU A 135 -9.89 2.40 9.70
CA LEU A 135 -8.52 2.44 9.13
C LEU A 135 -7.54 2.56 10.27
N LYS A 136 -6.46 1.75 10.15
CA LYS A 136 -5.37 1.77 11.09
C LYS A 136 -4.08 2.41 10.48
N CYS A 137 -3.27 2.97 11.33
CA CYS A 137 -2.05 3.68 11.03
C CYS A 137 -0.93 3.20 11.88
N LEU A 138 0.28 3.34 11.37
CA LEU A 138 1.49 2.94 12.03
C LEU A 138 2.61 3.86 11.63
N ASP A 139 3.32 4.44 12.60
CA ASP A 139 4.52 5.22 12.38
CA ASP A 139 4.53 5.18 12.25
C ASP A 139 5.73 4.27 12.49
N ALA A 140 6.55 4.18 11.44
CA ALA A 140 7.65 3.24 11.47
C ALA A 140 8.80 3.75 10.61
N PRO A 141 10.05 3.33 10.92
CA PRO A 141 11.18 3.87 10.18
C PRO A 141 11.65 2.93 9.06
N VAL A 142 12.22 3.55 8.05
CA VAL A 142 12.92 2.82 7.01
C VAL A 142 14.15 2.15 7.59
N LEU A 143 14.33 0.86 7.31
CA LEU A 143 15.48 0.10 7.81
C LEU A 143 16.60 0.11 6.76
N THR A 144 17.81 -0.20 7.15
CA THR A 144 18.90 -0.26 6.21
C THR A 144 18.75 -1.49 5.34
N GLN A 145 19.39 -1.42 4.18
CA GLN A 145 19.36 -2.55 3.27
C GLN A 145 20.01 -3.76 3.95
N ALA A 146 21.07 -3.59 4.76
CA ALA A 146 21.64 -4.73 5.46
C ALA A 146 20.73 -5.36 6.45
N GLU A 147 19.95 -4.56 7.17
CA GLU A 147 18.97 -5.10 8.09
C GLU A 147 17.88 -5.87 7.31
N CYS A 148 17.48 -5.32 6.16
CA CYS A 148 16.47 -5.96 5.36
C CYS A 148 16.95 -7.36 4.89
N LYS A 149 18.15 -7.36 4.33
N LYS A 149 18.15 -7.36 4.32
CA LYS A 149 18.76 -8.53 3.88
CA LYS A 149 18.80 -8.54 3.88
C LYS A 149 19.07 -9.58 4.92
C LYS A 149 19.10 -9.58 4.92
N ALA A 150 19.45 -9.19 6.09
CA ALA A 150 19.68 -10.14 7.14
C ALA A 150 18.38 -10.74 7.67
N SER A 151 17.28 -10.00 7.55
CA SER A 151 15.98 -10.48 7.99
C SER A 151 15.43 -11.55 7.09
N TYR A 152 15.69 -11.43 5.77
CA TYR A 152 15.18 -12.33 4.77
C TYR A 152 16.28 -12.72 3.80
N PRO A 153 17.26 -13.53 4.28
CA PRO A 153 18.44 -13.77 3.42
C PRO A 153 18.11 -14.42 2.12
N GLY A 154 18.59 -13.92 1.03
CA GLY A 154 18.35 -14.47 -0.27
C GLY A 154 17.02 -14.12 -0.92
N LYS A 155 16.17 -13.33 -0.23
CA LYS A 155 14.82 -13.05 -0.66
C LYS A 155 14.55 -11.58 -1.02
N ILE A 156 15.47 -10.71 -0.73
CA ILE A 156 15.26 -9.26 -0.94
C ILE A 156 15.89 -8.91 -2.29
N THR A 157 15.03 -8.58 -3.24
CA THR A 157 15.45 -8.19 -4.57
C THR A 157 15.72 -6.67 -4.59
N ASN A 158 16.22 -6.22 -5.69
CA ASN A 158 16.45 -4.84 -5.87
C ASN A 158 15.20 -3.91 -5.93
N SER A 159 14.03 -4.54 -6.01
CA SER A 159 12.80 -3.75 -5.96
C SER A 159 12.26 -3.59 -4.56
N MET A 160 12.91 -4.11 -3.54
CA MET A 160 12.31 -4.23 -2.20
C MET A 160 13.13 -3.47 -1.19
N PHE A 161 12.42 -2.94 -0.15
CA PHE A 161 13.04 -2.39 1.01
C PHE A 161 12.21 -2.70 2.24
N CYS A 162 12.79 -2.53 3.43
CA CYS A 162 12.12 -2.87 4.65
C CYS A 162 11.85 -1.63 5.49
N VAL A 163 10.73 -1.66 6.19
CA VAL A 163 10.27 -0.62 7.09
C VAL A 163 9.69 -1.31 8.32
N GLY A 164 10.03 -0.85 9.52
CA GLY A 164 9.47 -1.50 10.73
C GLY A 164 10.44 -1.50 11.85
N PHE A 165 10.31 -2.53 12.68
CA PHE A 165 10.98 -2.65 13.94
C PHE A 165 11.54 -4.07 14.05
N LEU A 166 12.84 -4.22 14.14
CA LEU A 166 13.41 -5.53 14.25
C LEU A 166 13.03 -6.25 15.51
N GLU A 167 12.68 -5.53 16.56
CA GLU A 167 12.22 -6.17 17.83
C GLU A 167 10.82 -6.75 17.65
N GLY A 168 10.12 -6.46 16.58
CA GLY A 168 8.75 -6.90 16.42
C GLY A 168 7.74 -6.00 17.10
N GLY A 169 6.52 -6.45 17.14
CA GLY A 169 5.43 -5.78 17.87
C GLY A 169 4.57 -4.84 17.05
N LYS A 170 5.12 -4.24 15.99
CA LYS A 170 4.44 -3.30 15.16
C LYS A 170 4.79 -3.58 13.71
N ASP A 171 3.78 -3.65 12.84
CA ASP A 171 4.06 -4.05 11.44
C ASP A 171 2.78 -3.91 10.64
N SER A 172 2.92 -3.96 9.30
CA SER A 172 1.79 -4.21 8.47
C SER A 172 1.48 -5.70 8.39
N CYS A 173 0.38 -6.07 7.76
CA CYS A 173 -0.04 -7.47 7.74
C CYS A 173 -0.99 -7.78 6.57
N GLN A 174 -1.55 -8.96 6.53
CA GLN A 174 -2.41 -9.41 5.49
C GLN A 174 -3.54 -8.44 5.28
N ARG A 175 -3.85 -8.14 4.05
CA ARG A 175 -4.89 -7.20 3.61
C ARG A 175 -4.53 -5.75 3.80
N ASP A 176 -3.35 -5.45 4.35
CA ASP A 176 -2.71 -4.15 4.16
C ASP A 176 -2.01 -4.10 2.82
N SER A 177 -1.70 -5.23 2.25
CA SER A 177 -1.02 -5.37 0.98
C SER A 177 -1.56 -4.43 -0.06
N GLY A 178 -0.67 -3.83 -0.81
CA GLY A 178 -1.03 -2.84 -1.83
C GLY A 178 -1.09 -1.43 -1.31
N GLY A 179 -1.22 -1.23 -0.02
CA GLY A 179 -1.38 0.07 0.53
C GLY A 179 -0.12 0.85 0.68
N PRO A 180 -0.23 2.06 1.16
CA PRO A 180 0.85 3.05 1.15
C PRO A 180 1.81 2.98 2.34
N VAL A 181 3.06 3.33 2.02
CA VAL A 181 4.03 3.83 2.97
C VAL A 181 4.39 5.25 2.53
N VAL A 182 4.06 6.24 3.35
CA VAL A 182 4.28 7.63 2.97
C VAL A 182 5.34 8.19 3.90
N CYS A 183 6.33 8.85 3.31
CA CYS A 183 7.40 9.45 4.09
C CYS A 183 7.54 10.88 3.63
N ASN A 184 7.44 11.82 4.57
CA ASN A 184 7.54 13.22 4.25
C ASN A 184 6.69 13.61 3.02
N GLY A 185 5.45 13.17 3.05
CA GLY A 185 4.47 13.60 2.05
C GLY A 185 4.60 12.95 0.69
N GLN A 186 5.38 11.89 0.57
CA GLN A 186 5.55 11.20 -0.73
C GLN A 186 5.35 9.70 -0.55
N LEU A 187 4.74 9.09 -1.55
CA LEU A 187 4.54 7.67 -1.59
C LEU A 187 5.85 6.95 -1.87
N GLN A 188 6.42 6.34 -0.87
CA GLN A 188 7.72 5.65 -1.03
C GLN A 188 7.57 4.16 -1.12
N GLY A 189 6.55 3.55 -0.58
CA GLY A 189 6.41 2.13 -0.57
C GLY A 189 5.06 1.61 -0.84
N VAL A 190 4.95 0.39 -1.30
CA VAL A 190 3.73 -0.37 -1.40
C VAL A 190 3.85 -1.54 -0.52
N VAL A 191 2.91 -1.81 0.39
CA VAL A 191 2.92 -2.98 1.27
C VAL A 191 2.95 -4.22 0.37
N SER A 192 3.96 -5.09 0.61
CA SER A 192 4.16 -6.24 -0.25
C SER A 192 4.10 -7.59 0.53
N TRP A 193 5.06 -7.85 1.43
CA TRP A 193 5.07 -9.18 2.11
C TRP A 193 5.88 -9.08 3.35
N GLY A 194 5.90 -10.24 4.05
CA GLY A 194 6.69 -10.49 5.23
C GLY A 194 6.48 -11.92 5.62
N HIS A 195 7.23 -12.36 6.64
CA HIS A 195 6.93 -13.68 7.28
CA HIS A 195 7.01 -13.69 7.24
C HIS A 195 6.27 -13.42 8.58
N GLY A 196 5.03 -13.87 8.70
CA GLY A 196 4.22 -13.50 9.83
C GLY A 196 3.95 -12.01 9.83
N CYS A 197 3.60 -11.48 10.96
N CYS A 197 3.55 -11.44 10.93
CA CYS A 197 3.38 -10.01 11.14
CA CYS A 197 3.56 -9.99 11.02
C CYS A 197 3.90 -9.66 12.52
C CYS A 197 3.82 -9.59 12.45
N ALA A 198 4.74 -8.65 12.59
CA ALA A 198 5.19 -8.12 13.82
C ALA A 198 6.11 -9.09 14.60
N TRP A 199 6.74 -10.02 13.93
CA TRP A 199 7.67 -10.91 14.59
C TRP A 199 9.07 -10.34 14.58
N LYS A 200 9.83 -10.69 15.61
CA LYS A 200 11.22 -10.30 15.71
C LYS A 200 12.00 -10.69 14.47
N ASN A 201 12.80 -9.74 13.96
CA ASN A 201 13.66 -9.93 12.81
C ASN A 201 12.91 -10.26 11.51
N ARG A 202 11.62 -9.92 11.48
CA ARG A 202 10.81 -10.14 10.32
C ARG A 202 9.98 -8.88 9.99
N PRO A 203 10.64 -7.79 9.67
CA PRO A 203 9.94 -6.55 9.34
C PRO A 203 9.18 -6.71 8.03
N GLY A 204 8.34 -5.71 7.77
CA GLY A 204 7.67 -5.69 6.49
C GLY A 204 8.59 -5.38 5.33
N VAL A 205 8.24 -5.99 4.20
CA VAL A 205 8.97 -5.78 2.93
C VAL A 205 7.96 -5.03 2.01
N TYR A 206 8.52 -4.01 1.36
CA TYR A 206 7.76 -3.02 0.58
C TYR A 206 8.40 -2.82 -0.77
N THR A 207 7.58 -2.52 -1.76
CA THR A 207 8.15 -2.17 -3.10
C THR A 207 8.64 -0.77 -3.10
N LYS A 208 9.83 -0.55 -3.68
CA LYS A 208 10.44 0.75 -3.83
C LYS A 208 9.75 1.58 -4.92
N VAL A 209 8.78 2.41 -4.56
CA VAL A 209 8.03 3.19 -5.55
C VAL A 209 8.91 4.07 -6.37
N TYR A 210 9.93 4.63 -5.80
CA TYR A 210 10.84 5.52 -6.56
C TYR A 210 11.35 4.85 -7.80
N ASN A 211 11.58 3.55 -7.77
CA ASN A 211 12.12 2.82 -8.93
C ASN A 211 11.17 2.71 -10.08
N TYR A 212 9.90 3.06 -9.88
CA TYR A 212 8.86 2.90 -10.84
C TYR A 212 8.21 4.20 -11.29
N VAL A 213 8.72 5.34 -10.87
CA VAL A 213 8.08 6.60 -11.28
C VAL A 213 8.04 6.75 -12.79
N ASP A 214 9.13 6.47 -13.48
CA ASP A 214 9.14 6.54 -14.93
C ASP A 214 8.20 5.54 -15.58
N TRP A 215 8.15 4.33 -14.99
CA TRP A 215 7.24 3.33 -15.48
C TRP A 215 5.78 3.77 -15.33
N ILE A 216 5.44 4.36 -14.17
CA ILE A 216 4.13 4.89 -13.97
C ILE A 216 3.80 5.94 -15.02
N LYS A 217 4.70 6.91 -15.16
CA LYS A 217 4.50 7.98 -16.17
C LYS A 217 4.22 7.34 -17.55
N ASP A 218 5.09 6.51 -17.99
CA ASP A 218 4.98 5.95 -19.32
C ASP A 218 3.71 5.12 -19.52
N THR A 219 3.36 4.33 -18.50
CA THR A 219 2.20 3.45 -18.58
C THR A 219 0.91 4.20 -18.61
N ILE A 220 0.84 5.27 -17.79
CA ILE A 220 -0.31 6.13 -17.80
C ILE A 220 -0.43 6.79 -19.17
N ALA A 221 0.67 7.37 -19.66
CA ALA A 221 0.63 8.07 -20.96
C ALA A 221 0.12 7.15 -22.08
N ALA A 222 0.50 5.88 -22.06
CA ALA A 222 0.14 4.92 -23.09
C ALA A 222 -1.29 4.38 -22.99
N ASN A 223 -1.90 4.54 -21.83
CA ASN A 223 -3.21 4.06 -21.53
C ASN A 223 -4.14 5.19 -21.25
N SER A 224 -3.89 6.32 -21.89
CA SER A 224 -4.71 7.48 -21.80
C SER A 224 -5.33 7.77 -23.18
#